data_2BUE
#
_entry.id   2BUE
#
_cell.length_a   57.475
_cell.length_b   57.475
_cell.length_c   148.305
_cell.angle_alpha   90.00
_cell.angle_beta   90.00
_cell.angle_gamma   90.00
#
_symmetry.space_group_name_H-M   'P 43 21 2'
#
loop_
_entity.id
_entity.type
_entity.pdbx_description
1 polymer "AAC(6')-IB"
2 non-polymer 'COENZYME A'
3 non-polymer RIBOSTAMYCIN
4 non-polymer 'CALCIUM ION'
5 water water
#
_entity_poly.entity_id   1
_entity_poly.type   'polypeptide(L)'
_entity_poly.pdbx_seq_one_letter_code
;GSHMSNAKTKLGITKYSIVTNSNDSVTLRLMTEHDLAMLYEWLNRSHIVEWWGGEEARPTLADVQEQYLPSVLAQESVTP
YIAMLNGEPIGYAQSYVALGSGDGWWEEETDPGVRGIDQLLANASQLGKGLGTKLVRALVELLFNDPEVTKIQTDPSPSN
LRAIRCYEKAGFERQGTVTTPDGPAVYMVQTRQAFERTRSDA
;
_entity_poly.pdbx_strand_id   A
#
# COMPACT_ATOMS: atom_id res chain seq x y z
N ASP A 24 11.79 -0.94 16.60
CA ASP A 24 10.92 -1.99 17.20
C ASP A 24 9.85 -2.44 16.22
N SER A 25 8.66 -2.76 16.72
CA SER A 25 7.61 -3.38 15.92
C SER A 25 6.76 -2.34 15.21
N VAL A 26 6.58 -2.52 13.90
CA VAL A 26 5.64 -1.67 13.15
C VAL A 26 4.25 -2.29 13.16
N THR A 27 3.26 -1.51 13.60
CA THR A 27 1.88 -1.96 13.63
C THR A 27 0.97 -1.07 12.77
N LEU A 28 -0.25 -1.53 12.55
CA LEU A 28 -1.22 -0.79 11.75
C LEU A 28 -2.48 -0.56 12.51
N ARG A 29 -3.00 0.66 12.39
CA ARG A 29 -4.33 0.98 12.87
C ARG A 29 -5.11 1.58 11.74
N LEU A 30 -6.44 1.50 11.80
CA LEU A 30 -7.27 2.19 10.82
C LEU A 30 -6.99 3.68 10.89
N MET A 31 -6.92 4.31 9.72
CA MET A 31 -6.89 5.78 9.67
C MET A 31 -8.30 6.31 9.94
N THR A 32 -8.36 7.46 10.61
CA THR A 32 -9.62 8.14 10.86
C THR A 32 -9.60 9.53 10.22
N GLU A 33 -10.78 10.16 10.17
CA GLU A 33 -10.86 11.57 9.73
C GLU A 33 -9.91 12.52 10.49
N HIS A 34 -9.58 12.20 11.74
CA HIS A 34 -8.64 12.99 12.55
C HIS A 34 -7.20 12.97 12.07
N ASP A 35 -6.88 12.01 11.18
CA ASP A 35 -5.55 11.88 10.62
C ASP A 35 -5.34 12.67 9.32
N LEU A 36 -6.40 13.28 8.79
CA LEU A 36 -6.36 13.81 7.44
C LEU A 36 -5.41 15.01 7.33
N ALA A 37 -5.40 15.87 8.35
CA ALA A 37 -4.47 17.02 8.34
C ALA A 37 -3.01 16.55 8.27
N MET A 38 -2.70 15.54 9.09
CA MET A 38 -1.38 14.90 9.11
C MET A 38 -1.03 14.27 7.75
N LEU A 39 -1.98 13.52 7.19
CA LEU A 39 -1.77 12.92 5.87
C LEU A 39 -1.50 14.00 4.79
N TYR A 40 -2.24 15.09 4.84
CA TYR A 40 -2.03 16.23 3.93
C TYR A 40 -0.58 16.73 4.04
N GLU A 41 -0.12 16.97 5.27
CA GLU A 41 1.28 17.36 5.47
C GLU A 41 2.23 16.35 4.81
N TRP A 42 2.04 15.07 5.12
CA TRP A 42 2.88 13.99 4.54
C TRP A 42 2.89 13.99 3.00
N LEU A 43 1.71 14.10 2.39
CA LEU A 43 1.59 13.99 0.94
C LEU A 43 2.26 15.15 0.19
N ASN A 44 2.64 16.18 0.94
CA ASN A 44 3.36 17.32 0.38
C ASN A 44 4.85 17.36 0.74
N ARG A 45 5.34 16.31 1.37
CA ARG A 45 6.78 16.19 1.60
C ARG A 45 7.47 15.73 0.32
N SER A 46 8.61 16.32 -0.01
CA SER A 46 9.26 16.07 -1.29
CA SER A 46 9.28 16.06 -1.29
C SER A 46 9.55 14.58 -1.58
N HIS A 47 9.97 13.83 -0.55
CA HIS A 47 10.29 12.40 -0.79
C HIS A 47 9.06 11.54 -1.13
N ILE A 48 7.88 12.06 -0.81
CA ILE A 48 6.62 11.40 -1.07
C ILE A 48 6.03 11.86 -2.42
N VAL A 49 6.05 13.17 -2.63
CA VAL A 49 5.57 13.74 -3.89
C VAL A 49 6.20 13.03 -5.10
N GLU A 50 7.49 12.70 -4.97
CA GLU A 50 8.25 12.04 -6.02
C GLU A 50 7.55 10.77 -6.59
N TRP A 51 6.90 10.02 -5.71
CA TRP A 51 6.38 8.67 -6.04
C TRP A 51 4.88 8.52 -5.80
N TRP A 52 4.24 9.58 -5.33
CA TRP A 52 2.86 9.50 -4.91
C TRP A 52 2.11 10.72 -5.32
N GLY A 53 1.05 10.52 -6.08
CA GLY A 53 0.19 11.60 -6.47
C GLY A 53 -0.10 11.52 -7.95
N GLY A 54 0.96 11.45 -8.76
CA GLY A 54 0.81 11.46 -10.23
C GLY A 54 0.21 12.78 -10.65
N GLU A 55 -0.94 12.73 -11.36
CA GLU A 55 -1.73 13.94 -11.67
C GLU A 55 -2.13 14.69 -10.40
N GLU A 56 -2.35 13.93 -9.34
CA GLU A 56 -2.80 14.47 -8.05
C GLU A 56 -1.65 14.76 -7.06
N ALA A 57 -0.42 14.82 -7.55
CA ALA A 57 0.74 15.17 -6.69
C ALA A 57 0.49 16.52 -6.02
N ARG A 58 0.99 16.68 -4.80
CA ARG A 58 0.82 17.92 -4.03
C ARG A 58 -0.64 18.34 -3.88
N PRO A 59 -1.46 17.47 -3.27
CA PRO A 59 -2.87 17.77 -3.07
C PRO A 59 -3.05 18.89 -2.05
N THR A 60 -4.10 19.67 -2.23
CA THR A 60 -4.47 20.68 -1.23
C THR A 60 -5.06 19.95 -0.02
N LEU A 61 -5.24 20.66 1.08
CA LEU A 61 -5.90 20.09 2.25
C LEU A 61 -7.31 19.60 1.87
N ALA A 62 -8.05 20.43 1.12
CA ALA A 62 -9.39 20.04 0.67
C ALA A 62 -9.36 18.76 -0.18
N ASP A 63 -8.39 18.67 -1.09
CA ASP A 63 -8.20 17.44 -1.89
C ASP A 63 -8.07 16.22 -0.99
N VAL A 64 -7.21 16.33 0.02
CA VAL A 64 -6.94 15.18 0.89
C VAL A 64 -8.19 14.86 1.72
N GLN A 65 -8.86 15.91 2.21
CA GLN A 65 -10.11 15.72 2.95
C GLN A 65 -11.20 15.05 2.11
N GLU A 66 -11.31 15.43 0.84
CA GLU A 66 -12.33 14.91 -0.07
C GLU A 66 -12.02 13.50 -0.59
N GLN A 67 -10.74 13.19 -0.71
CA GLN A 67 -10.31 11.96 -1.38
C GLN A 67 -9.92 10.84 -0.43
N TYR A 68 -9.45 11.21 0.75
CA TYR A 68 -8.91 10.21 1.69
C TYR A 68 -9.78 9.99 2.93
N LEU A 69 -10.91 10.70 3.05
CA LEU A 69 -11.84 10.44 4.13
C LEU A 69 -12.17 8.94 4.07
N PRO A 70 -12.01 8.21 5.20
CA PRO A 70 -12.21 6.76 5.14
C PRO A 70 -13.52 6.33 4.48
N SER A 71 -14.62 7.04 4.74
CA SER A 71 -15.90 6.71 4.08
C SER A 71 -15.91 6.90 2.56
N VAL A 72 -15.11 7.85 2.06
CA VAL A 72 -14.98 8.06 0.62
C VAL A 72 -14.13 6.94 0.00
N LEU A 73 -13.02 6.60 0.67
CA LEU A 73 -12.16 5.51 0.20
C LEU A 73 -12.96 4.19 0.18
N ALA A 74 -13.87 4.04 1.14
CA ALA A 74 -14.71 2.84 1.27
C ALA A 74 -15.53 2.64 0.00
N GLN A 75 -15.90 3.73 -0.68
CA GLN A 75 -16.70 3.64 -1.93
C GLN A 75 -15.92 3.04 -3.08
N GLU A 76 -14.60 3.02 -2.95
CA GLU A 76 -13.69 2.45 -3.94
CA GLU A 76 -13.78 2.40 -3.99
C GLU A 76 -13.07 1.14 -3.47
N SER A 77 -13.62 0.58 -2.39
CA SER A 77 -13.08 -0.66 -1.81
C SER A 77 -11.63 -0.47 -1.31
N VAL A 78 -11.34 0.73 -0.81
CA VAL A 78 -10.03 1.04 -0.26
C VAL A 78 -10.13 1.26 1.24
N THR A 79 -9.22 0.63 1.96
CA THR A 79 -9.12 0.77 3.41
C THR A 79 -7.80 1.42 3.80
N PRO A 80 -7.87 2.60 4.46
CA PRO A 80 -6.66 3.33 4.88
C PRO A 80 -6.17 2.97 6.27
N TYR A 81 -4.84 2.89 6.40
CA TYR A 81 -4.18 2.61 7.68
C TYR A 81 -3.10 3.66 8.00
N ILE A 82 -2.85 3.85 9.29
CA ILE A 82 -1.68 4.56 9.75
C ILE A 82 -0.72 3.53 10.36
N ALA A 83 0.52 3.58 9.90
CA ALA A 83 1.61 2.75 10.45
C ALA A 83 2.18 3.42 11.68
N MET A 84 2.33 2.61 12.74
CA MET A 84 2.80 3.10 14.04
C MET A 84 4.11 2.41 14.46
N LEU A 85 5.01 3.18 15.07
CA LEU A 85 6.25 2.65 15.61
C LEU A 85 6.55 3.38 16.91
N ASN A 86 6.67 2.61 17.99
CA ASN A 86 6.92 3.17 19.32
C ASN A 86 5.94 4.31 19.67
N GLY A 87 4.66 4.07 19.40
CA GLY A 87 3.60 5.05 19.68
C GLY A 87 3.54 6.30 18.79
N GLU A 88 4.38 6.34 17.74
CA GLU A 88 4.39 7.46 16.79
C GLU A 88 3.87 7.02 15.41
N PRO A 89 3.06 7.87 14.75
CA PRO A 89 2.66 7.59 13.37
C PRO A 89 3.85 7.80 12.43
N ILE A 90 4.19 6.78 11.65
CA ILE A 90 5.35 6.84 10.77
C ILE A 90 5.06 6.62 9.27
N GLY A 91 3.80 6.36 8.93
CA GLY A 91 3.50 6.20 7.52
C GLY A 91 2.03 5.97 7.28
N TYR A 92 1.70 5.88 5.99
CA TYR A 92 0.33 5.66 5.54
C TYR A 92 0.34 4.40 4.69
N ALA A 93 -0.69 3.58 4.81
CA ALA A 93 -0.85 2.45 3.90
C ALA A 93 -2.32 2.30 3.54
N GLN A 94 -2.57 1.57 2.48
CA GLN A 94 -3.96 1.25 2.12
C GLN A 94 -3.99 -0.14 1.50
N SER A 95 -5.10 -0.84 1.72
CA SER A 95 -5.36 -2.07 1.01
C SER A 95 -6.65 -1.90 0.19
N TYR A 96 -6.79 -2.66 -0.89
CA TYR A 96 -7.97 -2.52 -1.72
C TYR A 96 -8.37 -3.87 -2.29
N VAL A 97 -9.67 -4.00 -2.55
CA VAL A 97 -10.16 -5.17 -3.28
C VAL A 97 -9.94 -4.91 -4.77
N ALA A 98 -9.07 -5.71 -5.39
CA ALA A 98 -8.70 -5.45 -6.78
C ALA A 98 -9.91 -5.51 -7.76
N LEU A 99 -10.76 -6.53 -7.60
CA LEU A 99 -11.96 -6.67 -8.42
C LEU A 99 -12.91 -5.45 -8.28
N GLY A 100 -12.82 -4.75 -7.15
CA GLY A 100 -13.65 -3.56 -6.79
C GLY A 100 -13.09 -2.16 -7.02
N SER A 101 -12.07 -2.06 -7.87
CA SER A 101 -11.38 -0.81 -8.09
C SER A 101 -12.06 0.05 -9.14
N GLY A 102 -11.67 1.32 -9.23
CA GLY A 102 -12.23 2.27 -10.22
C GLY A 102 -12.05 1.83 -11.67
N ASP A 103 -12.79 2.47 -12.58
CA ASP A 103 -12.67 2.20 -14.01
C ASP A 103 -11.20 2.23 -14.46
N GLY A 104 -10.84 1.21 -15.21
CA GLY A 104 -9.50 1.10 -15.76
C GLY A 104 -8.57 0.28 -14.91
N TRP A 105 -8.92 0.08 -13.62
CA TRP A 105 -8.06 -0.64 -12.69
C TRP A 105 -8.42 -2.12 -12.60
N TRP A 106 -7.40 -2.98 -12.79
CA TRP A 106 -7.51 -4.43 -12.58
C TRP A 106 -8.68 -5.03 -13.33
N GLU A 107 -8.85 -4.63 -14.58
N GLU A 107 -8.86 -4.62 -14.57
CA GLU A 107 -10.01 -5.05 -15.38
CA GLU A 107 -10.02 -5.04 -15.37
C GLU A 107 -10.00 -6.53 -15.81
C GLU A 107 -10.02 -6.54 -15.72
N GLU A 108 -8.84 -7.17 -15.72
CA GLU A 108 -8.74 -8.63 -16.01
C GLU A 108 -8.90 -9.49 -14.76
N GLU A 109 -8.98 -8.85 -13.59
CA GLU A 109 -9.11 -9.62 -12.36
C GLU A 109 -10.46 -10.38 -12.33
N THR A 110 -10.43 -11.59 -11.79
CA THR A 110 -11.64 -12.40 -11.62
C THR A 110 -11.83 -12.90 -10.18
N ASP A 111 -10.78 -12.81 -9.37
CA ASP A 111 -10.78 -13.39 -8.02
C ASP A 111 -11.08 -12.31 -6.98
N PRO A 112 -12.24 -12.38 -6.30
CA PRO A 112 -12.56 -11.30 -5.35
C PRO A 112 -11.69 -11.33 -4.08
N GLY A 113 -10.89 -12.39 -3.93
CA GLY A 113 -9.97 -12.56 -2.80
C GLY A 113 -8.64 -11.82 -2.94
N VAL A 114 -8.40 -11.27 -4.15
CA VAL A 114 -7.15 -10.56 -4.40
C VAL A 114 -7.19 -9.17 -3.75
N ARG A 115 -6.16 -8.83 -2.97
CA ARG A 115 -6.05 -7.52 -2.32
C ARG A 115 -4.77 -6.85 -2.80
N GLY A 116 -4.83 -5.55 -3.06
CA GLY A 116 -3.59 -4.84 -3.38
C GLY A 116 -3.23 -3.90 -2.24
N ILE A 117 -1.99 -3.46 -2.23
CA ILE A 117 -1.52 -2.52 -1.21
C ILE A 117 -0.71 -1.39 -1.83
N ASP A 118 -0.71 -0.26 -1.12
CA ASP A 118 0.16 0.90 -1.44
C ASP A 118 0.57 1.47 -0.10
N GLN A 119 1.76 2.04 -0.01
CA GLN A 119 2.20 2.60 1.27
C GLN A 119 3.34 3.59 1.11
N LEU A 120 3.51 4.39 2.16
CA LEU A 120 4.56 5.40 2.20
C LEU A 120 5.04 5.56 3.64
N LEU A 121 6.32 5.91 3.77
CA LEU A 121 6.90 6.30 5.06
C LEU A 121 6.93 7.83 5.14
N ALA A 122 6.44 8.34 6.27
CA ALA A 122 6.26 9.77 6.47
C ALA A 122 7.56 10.60 6.51
N ASN A 123 8.64 10.01 7.04
CA ASN A 123 9.85 10.78 7.42
C ASN A 123 11.05 10.45 6.55
N ALA A 124 11.57 11.46 5.85
CA ALA A 124 12.73 11.27 4.97
C ALA A 124 13.87 10.59 5.73
N SER A 125 14.03 10.96 6.99
CA SER A 125 15.13 10.45 7.82
C SER A 125 15.05 8.94 8.09
N GLN A 126 13.87 8.37 7.87
CA GLN A 126 13.63 6.96 8.21
C GLN A 126 13.60 6.04 6.99
N LEU A 127 13.97 6.55 5.81
CA LEU A 127 13.99 5.76 4.57
C LEU A 127 15.24 4.90 4.48
N GLY A 128 15.14 3.76 3.81
CA GLY A 128 16.28 2.87 3.56
C GLY A 128 16.89 2.21 4.78
N LYS A 129 16.10 2.07 5.85
CA LYS A 129 16.56 1.45 7.09
C LYS A 129 15.71 0.22 7.49
N GLY A 130 14.99 -0.35 6.52
CA GLY A 130 14.22 -1.57 6.76
C GLY A 130 12.80 -1.40 7.29
N LEU A 131 12.41 -0.15 7.58
CA LEU A 131 11.09 0.14 8.17
C LEU A 131 9.96 -0.12 7.18
N GLY A 132 10.19 0.20 5.91
CA GLY A 132 9.19 -0.06 4.85
C GLY A 132 8.94 -1.56 4.69
N THR A 133 10.00 -2.36 4.72
CA THR A 133 9.87 -3.82 4.69
C THR A 133 9.03 -4.32 5.89
N LYS A 134 9.32 -3.82 7.09
CA LYS A 134 8.50 -4.15 8.27
C LYS A 134 7.01 -3.80 8.09
N LEU A 135 6.77 -2.60 7.58
CA LEU A 135 5.42 -2.12 7.34
CA LEU A 135 5.43 -2.11 7.32
C LEU A 135 4.70 -3.06 6.35
N VAL A 136 5.36 -3.35 5.22
CA VAL A 136 4.76 -4.24 4.22
C VAL A 136 4.50 -5.64 4.80
N ARG A 137 5.45 -6.19 5.54
CA ARG A 137 5.25 -7.50 6.18
CA ARG A 137 5.23 -7.51 6.16
C ARG A 137 4.02 -7.48 7.12
N ALA A 138 3.87 -6.40 7.88
CA ALA A 138 2.73 -6.26 8.80
C ALA A 138 1.40 -6.18 8.06
N LEU A 139 1.40 -5.47 6.94
CA LEU A 139 0.20 -5.36 6.11
C LEU A 139 -0.16 -6.69 5.45
N VAL A 140 0.85 -7.41 4.96
CA VAL A 140 0.64 -8.72 4.36
C VAL A 140 0.05 -9.69 5.39
N GLU A 141 0.63 -9.71 6.59
CA GLU A 141 0.12 -10.57 7.67
C GLU A 141 -1.35 -10.22 8.01
N LEU A 142 -1.64 -8.92 8.17
CA LEU A 142 -2.99 -8.46 8.44
CA LEU A 142 -3.00 -8.48 8.44
C LEU A 142 -3.97 -9.00 7.40
N LEU A 143 -3.64 -8.78 6.13
CA LEU A 143 -4.50 -9.19 5.04
C LEU A 143 -4.75 -10.71 5.01
N PHE A 144 -3.71 -11.52 5.21
CA PHE A 144 -3.91 -12.97 5.20
C PHE A 144 -4.67 -13.45 6.45
N ASN A 145 -4.79 -12.60 7.46
CA ASN A 145 -5.65 -12.95 8.61
C ASN A 145 -7.13 -12.78 8.31
N ASP A 146 -7.41 -12.28 7.11
CA ASP A 146 -8.75 -12.43 6.56
C ASP A 146 -8.75 -13.70 5.70
N PRO A 147 -9.45 -14.78 6.15
CA PRO A 147 -9.37 -16.05 5.40
C PRO A 147 -9.89 -16.00 3.96
N GLU A 148 -10.65 -14.95 3.62
CA GLU A 148 -11.16 -14.79 2.27
C GLU A 148 -10.08 -14.33 1.27
N VAL A 149 -8.98 -13.82 1.80
CA VAL A 149 -7.92 -13.22 0.96
C VAL A 149 -7.04 -14.34 0.38
N THR A 150 -6.79 -14.30 -0.92
CA THR A 150 -6.10 -15.40 -1.62
C THR A 150 -4.68 -15.03 -2.06
N LYS A 151 -4.48 -13.75 -2.30
CA LYS A 151 -3.22 -13.28 -2.91
C LYS A 151 -3.15 -11.78 -2.70
N ILE A 152 -1.94 -11.27 -2.43
CA ILE A 152 -1.76 -9.82 -2.35
CA ILE A 152 -1.69 -9.83 -2.29
C ILE A 152 -0.96 -9.39 -3.56
N GLN A 153 -1.34 -8.23 -4.10
CA GLN A 153 -0.62 -7.66 -5.26
C GLN A 153 -0.12 -6.28 -4.91
N THR A 154 0.88 -5.82 -5.65
CA THR A 154 1.25 -4.40 -5.62
C THR A 154 1.79 -4.02 -7.00
N ASP A 155 1.88 -2.73 -7.27
CA ASP A 155 2.10 -2.25 -8.64
C ASP A 155 3.02 -1.02 -8.69
N PRO A 156 4.24 -1.13 -8.15
CA PRO A 156 5.15 0.01 -8.16
C PRO A 156 5.47 0.46 -9.58
N SER A 157 5.76 1.75 -9.74
CA SER A 157 6.31 2.26 -10.99
C SER A 157 7.61 1.51 -11.34
N PRO A 158 7.83 1.26 -12.64
CA PRO A 158 9.11 0.68 -13.08
C PRO A 158 10.31 1.53 -12.66
N SER A 159 10.10 2.85 -12.49
CA SER A 159 11.15 3.81 -12.07
C SER A 159 11.51 3.65 -10.58
N ASN A 160 10.60 3.08 -9.80
CA ASN A 160 10.72 3.04 -8.34
C ASN A 160 11.43 1.79 -7.81
N LEU A 161 12.74 1.71 -8.09
CA LEU A 161 13.53 0.52 -7.80
C LEU A 161 13.57 0.22 -6.28
N ARG A 162 13.59 1.28 -5.46
CA ARG A 162 13.64 1.11 -4.02
C ARG A 162 12.36 0.41 -3.53
N ALA A 163 11.21 0.87 -4.04
CA ALA A 163 9.91 0.25 -3.66
C ALA A 163 9.89 -1.22 -4.11
N ILE A 164 10.35 -1.47 -5.33
CA ILE A 164 10.39 -2.86 -5.87
C ILE A 164 11.22 -3.79 -4.97
N ARG A 165 12.42 -3.33 -4.58
CA ARG A 165 13.27 -4.11 -3.69
C ARG A 165 12.63 -4.33 -2.31
N CYS A 166 12.02 -3.28 -1.75
CA CYS A 166 11.31 -3.41 -0.46
C CYS A 166 10.26 -4.53 -0.57
N TYR A 167 9.46 -4.48 -1.64
CA TYR A 167 8.41 -5.48 -1.84
C TYR A 167 8.97 -6.90 -1.95
N GLU A 168 10.07 -7.04 -2.69
CA GLU A 168 10.76 -8.34 -2.79
C GLU A 168 11.22 -8.84 -1.42
N LYS A 169 11.82 -7.95 -0.63
CA LYS A 169 12.27 -8.30 0.73
C LYS A 169 11.10 -8.74 1.61
N ALA A 170 9.93 -8.17 1.36
CA ALA A 170 8.71 -8.57 2.08
C ALA A 170 7.96 -9.78 1.50
N GLY A 171 8.51 -10.43 0.49
CA GLY A 171 7.99 -11.72 -0.02
C GLY A 171 7.21 -11.64 -1.33
N PHE A 172 7.18 -10.46 -1.96
CA PHE A 172 6.51 -10.32 -3.23
C PHE A 172 7.43 -10.76 -4.38
N GLU A 173 6.84 -11.27 -5.44
CA GLU A 173 7.60 -11.66 -6.64
C GLU A 173 7.14 -10.88 -7.85
N ARG A 174 8.11 -10.33 -8.59
CA ARG A 174 7.81 -9.63 -9.85
C ARG A 174 7.23 -10.59 -10.90
N GLN A 175 6.09 -10.22 -11.47
CA GLN A 175 5.45 -11.01 -12.50
C GLN A 175 5.70 -10.49 -13.91
N GLY A 176 5.50 -9.20 -14.10
CA GLY A 176 5.69 -8.60 -15.43
C GLY A 176 5.12 -7.19 -15.44
N THR A 177 5.14 -6.57 -16.63
CA THR A 177 4.68 -5.23 -16.80
C THR A 177 3.22 -5.23 -17.19
N VAL A 178 2.43 -4.40 -16.50
CA VAL A 178 1.04 -4.23 -16.83
C VAL A 178 0.65 -2.76 -17.04
N THR A 179 -0.36 -2.55 -17.89
CA THR A 179 -0.85 -1.22 -18.17
C THR A 179 -1.90 -0.86 -17.14
N THR A 180 -1.67 0.23 -16.41
CA THR A 180 -2.66 0.75 -15.44
C THR A 180 -3.04 2.21 -15.75
N PRO A 181 -4.12 2.72 -15.13
CA PRO A 181 -4.43 4.15 -15.29
C PRO A 181 -3.29 5.10 -14.90
N ASP A 182 -2.35 4.63 -14.09
CA ASP A 182 -1.18 5.43 -13.70
C ASP A 182 0.06 5.04 -14.51
N GLY A 183 -0.18 4.45 -15.68
CA GLY A 183 0.91 4.03 -16.58
C GLY A 183 1.36 2.58 -16.39
N PRO A 184 2.40 2.18 -17.10
CA PRO A 184 2.98 0.85 -16.94
C PRO A 184 3.40 0.69 -15.48
N ALA A 185 3.18 -0.51 -14.93
CA ALA A 185 3.59 -0.82 -13.57
C ALA A 185 4.20 -2.20 -13.54
N VAL A 186 5.05 -2.44 -12.54
CA VAL A 186 5.61 -3.76 -12.34
C VAL A 186 4.64 -4.50 -11.42
N TYR A 187 3.90 -5.46 -11.98
CA TYR A 187 2.92 -6.23 -11.22
C TYR A 187 3.68 -7.25 -10.34
N MET A 188 3.43 -7.19 -9.04
CA MET A 188 4.10 -8.07 -8.08
C MET A 188 3.05 -8.76 -7.21
N VAL A 189 3.30 -10.01 -6.85
CA VAL A 189 2.32 -10.76 -6.05
C VAL A 189 2.98 -11.61 -4.97
N GLN A 190 2.17 -11.92 -3.95
CA GLN A 190 2.52 -12.86 -2.90
C GLN A 190 1.26 -13.69 -2.62
N THR A 191 1.29 -15.00 -2.88
CA THR A 191 0.10 -15.85 -2.69
C THR A 191 0.01 -16.31 -1.24
N ARG A 192 -1.18 -16.75 -0.83
CA ARG A 192 -1.33 -17.29 0.51
C ARG A 192 -0.44 -18.50 0.68
N GLN A 193 -0.35 -19.36 -0.34
CA GLN A 193 0.51 -20.57 -0.24
C GLN A 193 1.97 -20.20 0.03
N ALA A 194 2.46 -19.17 -0.66
CA ALA A 194 3.83 -18.68 -0.43
C ALA A 194 4.02 -18.20 0.99
N PHE A 195 3.05 -17.43 1.50
CA PHE A 195 3.09 -16.89 2.85
C PHE A 195 3.14 -18.03 3.88
N GLU A 196 2.30 -19.05 3.67
CA GLU A 196 2.29 -20.25 4.54
C GLU A 196 3.65 -20.95 4.55
N ARG A 197 4.19 -21.20 3.35
CA ARG A 197 5.47 -21.91 3.20
C ARG A 197 6.60 -21.18 3.88
N THR A 198 6.56 -19.84 3.87
CA THR A 198 7.67 -19.05 4.40
C THR A 198 7.54 -18.69 5.87
N ARG A 199 6.49 -19.16 6.54
CA ARG A 199 6.35 -18.86 7.99
C ARG A 199 7.36 -19.62 8.87
N SER A 200 7.80 -20.78 8.41
CA SER A 200 8.83 -21.51 9.12
C SER A 200 9.77 -22.23 8.15
N ASP A 201 10.99 -22.49 8.62
CA ASP A 201 11.96 -23.23 7.84
C ASP A 201 11.71 -24.74 7.88
N ALA A 202 10.67 -25.14 8.60
CA ALA A 202 10.17 -26.50 8.56
C ALA A 202 9.38 -26.77 7.26
#